data_3PPN
#
_entry.id   3PPN
#
_cell.length_a   89.275
_cell.length_b   89.667
_cell.length_c   90.387
_cell.angle_alpha   90.00
_cell.angle_beta   90.00
_cell.angle_gamma   90.00
#
_symmetry.space_group_name_H-M   'P 21 21 21'
#
loop_
_entity.id
_entity.type
_entity.pdbx_description
1 polymer 'Glycine betaine/carnitine/choline-binding protein'
2 water water
#
_entity_poly.entity_id   1
_entity_poly.type   'polypeptide(L)'
_entity_poly.pdbx_seq_one_letter_code
;MGHHHHHHMTKIKWLGAFALVFVMLLGGCSLPGLGGASDDTIKIGAQSMTESEIVANMIAQLIEHDTDLNTALVKNLGSN
YVQHQAMLGGDIDISATRYSGTDLTSTLGKEAEKDPKKALNIVQNEFQKRFSYKWFDSYGFDNTYAFTVTKKFAEKEHIN
TVSDLKKNASQYKLGVDNAWLKRKGDGYKGFVSTYGFEFGTTYPMQIGLVYDAVKNGKMDAVLAYSTDGRIKAYDLKILK
DDKRFFPPYDCSPVIPEKVLKEHPELEGVINKLIGQIDTETMQELNYEVDGKLKEPSVVAKEFLEKHHYFD
;
_entity_poly.pdbx_strand_id   A,B
#
# COMPACT_ATOMS: atom_id res chain seq x y z
N ASP A 40 -14.85 8.89 41.03
CA ASP A 40 -15.46 9.54 39.82
C ASP A 40 -15.55 8.58 38.60
N THR A 41 -16.43 8.91 37.65
CA THR A 41 -16.85 7.96 36.62
C THR A 41 -16.37 8.32 35.20
N ILE A 42 -15.46 7.49 34.70
CA ILE A 42 -14.89 7.65 33.36
C ILE A 42 -15.81 7.07 32.28
N LYS A 43 -16.24 7.95 31.39
CA LYS A 43 -17.26 7.59 30.43
C LYS A 43 -16.62 7.31 29.08
N ILE A 44 -16.85 6.10 28.58
CA ILE A 44 -16.12 5.57 27.43
C ILE A 44 -17.07 5.39 26.25
N GLY A 45 -16.88 6.11 25.18
CA GLY A 45 -17.77 5.98 24.07
C GLY A 45 -17.41 4.94 23.05
N ALA A 46 -18.42 4.23 22.61
CA ALA A 46 -18.28 3.22 21.58
C ALA A 46 -19.35 3.36 20.52
N GLN A 47 -18.96 3.26 19.27
CA GLN A 47 -19.92 3.15 18.22
C GLN A 47 -20.46 1.74 18.09
N SER A 48 -21.28 1.53 17.08
CA SER A 48 -21.85 0.24 16.79
C SER A 48 -20.98 -0.57 15.85
N MET A 49 -19.85 -1.02 16.33
CA MET A 49 -18.98 -1.92 15.62
C MET A 49 -18.50 -2.82 16.73
N THR A 50 -18.34 -4.08 16.42
CA THR A 50 -17.78 -5.07 17.30
C THR A 50 -16.43 -4.67 17.90
N GLU A 51 -15.57 -4.23 17.03
CA GLU A 51 -14.32 -3.56 17.34
C GLU A 51 -14.40 -2.52 18.45
N SER A 52 -15.32 -1.55 18.29
CA SER A 52 -15.48 -0.47 19.27
C SER A 52 -15.90 -0.97 20.61
N GLU A 53 -16.86 -1.88 20.63
CA GLU A 53 -17.37 -2.44 21.90
C GLU A 53 -16.31 -3.23 22.63
N ILE A 54 -15.58 -4.08 21.90
CA ILE A 54 -14.43 -4.80 22.46
C ILE A 54 -13.41 -3.82 23.06
N VAL A 55 -12.97 -2.85 22.28
CA VAL A 55 -11.89 -1.98 22.74
C VAL A 55 -12.40 -1.07 23.89
N ALA A 56 -13.67 -0.66 23.80
CA ALA A 56 -14.35 0.05 24.86
C ALA A 56 -14.37 -0.70 26.19
N ASN A 57 -14.79 -1.97 26.16
CA ASN A 57 -14.79 -2.80 27.35
C ASN A 57 -13.38 -3.04 27.90
N MET A 58 -12.42 -3.17 26.98
CA MET A 58 -11.04 -3.45 27.37
C MET A 58 -10.51 -2.27 28.18
N ILE A 59 -10.69 -1.06 27.65
CA ILE A 59 -10.29 0.16 28.34
C ILE A 59 -10.91 0.22 29.73
N ALA A 60 -12.23 0.00 29.82
CA ALA A 60 -12.93 0.03 31.09
C ALA A 60 -12.25 -0.93 32.04
N GLN A 61 -12.10 -2.17 31.61
CA GLN A 61 -11.66 -3.21 32.51
C GLN A 61 -10.25 -2.96 32.96
N LEU A 62 -9.43 -2.41 32.09
CA LEU A 62 -8.05 -2.05 32.40
C LEU A 62 -8.00 -0.92 33.42
N ILE A 63 -8.90 0.04 33.29
CA ILE A 63 -8.96 1.14 34.24
C ILE A 63 -9.30 0.61 35.67
N GLU A 64 -10.33 -0.24 35.78
CA GLU A 64 -10.80 -0.71 37.08
C GLU A 64 -9.83 -1.72 37.72
N HIS A 65 -8.92 -2.25 36.89
CA HIS A 65 -7.88 -3.15 37.35
C HIS A 65 -6.68 -2.38 37.90
N ASP A 66 -6.29 -1.30 37.22
CA ASP A 66 -5.07 -0.54 37.60
C ASP A 66 -5.32 0.55 38.63
N THR A 67 -6.55 0.97 38.80
CA THR A 67 -6.85 2.19 39.57
C THR A 67 -8.12 2.02 40.39
N ASP A 68 -8.47 3.04 41.17
CA ASP A 68 -9.75 3.03 41.89
C ASP A 68 -10.88 3.77 41.17
N LEU A 69 -10.63 4.15 39.91
CA LEU A 69 -11.63 4.89 39.11
C LEU A 69 -12.80 4.02 38.67
N ASN A 70 -13.97 4.65 38.52
CA ASN A 70 -15.16 3.97 38.07
C ASN A 70 -15.34 4.21 36.58
N THR A 71 -15.97 3.27 35.87
CA THR A 71 -16.22 3.42 34.42
C THR A 71 -17.69 3.23 34.02
N ALA A 72 -18.08 3.92 32.95
CA ALA A 72 -19.33 3.66 32.26
C ALA A 72 -19.10 3.70 30.74
N LEU A 73 -19.84 2.87 30.03
CA LEU A 73 -19.78 2.78 28.59
C LEU A 73 -21.00 3.45 27.98
N VAL A 74 -20.76 4.29 26.97
CA VAL A 74 -21.83 4.92 26.21
C VAL A 74 -21.87 4.25 24.84
N LYS A 75 -22.82 3.33 24.67
CA LYS A 75 -22.85 2.48 23.49
C LYS A 75 -23.70 3.08 22.37
N ASN A 76 -23.50 2.56 21.17
CA ASN A 76 -24.26 2.90 19.98
C ASN A 76 -24.24 4.36 19.57
N LEU A 77 -23.05 4.92 19.43
CA LEU A 77 -22.95 6.33 19.08
C LEU A 77 -23.02 6.67 17.58
N GLY A 78 -23.30 5.71 16.72
CA GLY A 78 -23.36 6.02 15.29
C GLY A 78 -22.02 6.46 14.73
N SER A 79 -21.97 7.60 14.06
CA SER A 79 -20.76 8.07 13.40
C SER A 79 -19.81 8.85 14.28
N ASN A 80 -18.61 9.07 13.76
CA ASN A 80 -17.60 9.86 14.43
C ASN A 80 -18.04 11.28 14.65
N TYR A 81 -18.95 11.79 13.83
CA TYR A 81 -19.46 13.11 14.10
C TYR A 81 -20.15 13.16 15.45
N VAL A 82 -21.03 12.20 15.70
CA VAL A 82 -21.78 12.20 16.96
C VAL A 82 -20.82 11.95 18.12
N GLN A 83 -19.88 11.05 17.90
CA GLN A 83 -18.84 10.74 18.86
C GLN A 83 -18.01 11.98 19.21
N HIS A 84 -17.74 12.80 18.19
CA HIS A 84 -17.00 14.03 18.41
C HIS A 84 -17.84 15.00 19.26
N GLN A 85 -19.11 15.17 18.88
CA GLN A 85 -20.01 16.08 19.58
C GLN A 85 -20.22 15.66 21.03
N ALA A 86 -20.34 14.35 21.25
CA ALA A 86 -20.51 13.81 22.59
C ALA A 86 -19.29 14.13 23.48
N MET A 87 -18.09 14.09 22.88
CA MET A 87 -16.91 14.54 23.60
C MET A 87 -16.94 16.06 23.88
N LEU A 88 -17.36 16.87 22.90
CA LEU A 88 -17.42 18.33 23.07
C LEU A 88 -18.39 18.71 24.17
N GLY A 89 -19.52 17.99 24.21
CA GLY A 89 -20.58 18.19 25.21
C GLY A 89 -20.34 17.51 26.56
N GLY A 90 -19.25 16.76 26.69
CA GLY A 90 -18.89 16.16 27.97
C GLY A 90 -19.68 14.90 28.29
N ASP A 91 -20.42 14.39 27.31
CA ASP A 91 -21.11 13.10 27.43
C ASP A 91 -20.15 11.89 27.54
N ILE A 92 -18.95 12.01 26.94
CA ILE A 92 -17.91 10.96 26.98
C ILE A 92 -16.53 11.55 27.26
N ASP A 93 -15.79 10.87 28.14
CA ASP A 93 -14.42 11.25 28.50
C ASP A 93 -13.38 10.57 27.60
N ILE A 94 -13.81 9.53 26.89
CA ILE A 94 -12.93 8.72 26.08
C ILE A 94 -13.67 8.21 24.86
N SER A 95 -13.07 8.44 23.71
CA SER A 95 -13.55 7.86 22.48
C SER A 95 -12.67 6.63 22.19
N ALA A 96 -13.26 5.43 22.29
CA ALA A 96 -12.47 4.19 22.33
C ALA A 96 -11.78 3.94 21.00
N THR A 97 -12.56 4.01 19.93
CA THR A 97 -12.03 3.76 18.57
C THR A 97 -12.25 4.92 17.62
N ARG A 98 -11.17 5.57 17.22
CA ARG A 98 -11.20 6.59 16.16
C ARG A 98 -10.14 6.31 15.10
N TYR A 99 -10.44 6.68 13.86
CA TYR A 99 -9.70 6.25 12.70
C TYR A 99 -9.13 7.45 11.97
N SER A 100 -7.80 7.45 11.76
CA SER A 100 -7.06 8.62 11.24
C SER A 100 -7.63 9.19 9.93
N GLY A 101 -7.73 8.36 8.89
CA GLY A 101 -8.29 8.80 7.61
C GLY A 101 -9.74 9.32 7.70
N THR A 102 -10.49 8.88 8.70
CA THR A 102 -11.84 9.40 8.84
C THR A 102 -11.80 10.82 9.39
N ASP A 103 -11.26 11.02 10.59
CA ASP A 103 -11.30 12.34 11.22
C ASP A 103 -10.49 13.39 10.44
N LEU A 104 -9.51 12.95 9.67
CA LEU A 104 -8.74 13.84 8.84
C LEU A 104 -9.55 14.50 7.73
N THR A 105 -10.35 13.74 7.02
CA THR A 105 -11.03 14.29 5.85
C THR A 105 -12.47 14.66 6.12
N SER A 106 -12.86 14.65 7.38
CA SER A 106 -14.16 15.14 7.78
C SER A 106 -14.26 16.07 9.00
N THR A 107 -13.64 15.69 10.11
CA THR A 107 -13.68 16.48 11.34
C THR A 107 -12.65 17.56 11.15
N LEU A 108 -11.46 17.20 10.69
CA LEU A 108 -10.44 18.16 10.28
C LEU A 108 -10.66 18.85 8.93
N GLY A 109 -11.36 18.23 8.00
CA GLY A 109 -11.65 18.87 6.73
C GLY A 109 -10.47 18.98 5.79
N LYS A 110 -9.41 18.21 6.06
CA LYS A 110 -8.17 18.25 5.29
C LYS A 110 -8.18 17.25 4.12
N GLU A 111 -7.19 17.36 3.25
CA GLU A 111 -6.98 16.50 2.08
C GLU A 111 -6.55 15.08 2.51
N ALA A 112 -6.78 14.09 1.64
CA ALA A 112 -6.48 12.70 1.98
C ALA A 112 -5.00 12.29 1.84
N GLU A 113 -4.28 12.40 2.94
CA GLU A 113 -2.91 11.95 3.03
C GLU A 113 -2.85 10.40 2.95
N LYS A 114 -2.00 9.87 2.09
CA LYS A 114 -1.90 8.42 1.94
C LYS A 114 -0.83 7.77 2.85
N ASP A 115 0.21 8.51 3.24
CA ASP A 115 1.20 7.99 4.18
C ASP A 115 0.59 7.87 5.59
N PRO A 116 0.68 6.67 6.20
CA PRO A 116 0.02 6.55 7.53
C PRO A 116 0.60 7.37 8.67
N LYS A 117 1.92 7.49 8.75
CA LYS A 117 2.57 8.27 9.82
C LYS A 117 2.35 9.78 9.67
N LYS A 118 2.46 10.26 8.44
CA LYS A 118 2.17 11.65 8.12
C LYS A 118 0.70 11.98 8.40
N ALA A 119 -0.21 11.04 8.14
CA ALA A 119 -1.62 11.29 8.39
C ALA A 119 -1.93 11.33 9.88
N LEU A 120 -1.28 10.46 10.64
CA LEU A 120 -1.46 10.42 12.09
C LEU A 120 -0.88 11.70 12.73
N ASN A 121 0.27 12.15 12.25
CA ASN A 121 0.95 13.41 12.66
C ASN A 121 0.04 14.61 12.48
N ILE A 122 -0.54 14.76 11.29
CA ILE A 122 -1.51 15.83 11.06
C ILE A 122 -2.69 15.75 12.07
N VAL A 123 -3.38 14.61 12.07
CA VAL A 123 -4.52 14.43 12.94
C VAL A 123 -4.22 14.73 14.42
N GLN A 124 -3.05 14.32 14.91
CA GLN A 124 -2.70 14.51 16.31
C GLN A 124 -2.47 15.99 16.63
N ASN A 125 -1.86 16.69 15.66
CA ASN A 125 -1.50 18.07 15.83
C ASN A 125 -2.71 19.01 15.77
N GLU A 126 -3.63 18.73 14.85
CA GLU A 126 -4.91 19.47 14.81
C GLU A 126 -5.82 19.24 16.04
N PHE A 127 -5.91 17.99 16.50
CA PHE A 127 -6.69 17.71 17.68
C PHE A 127 -6.16 18.40 18.95
N GLN A 128 -4.84 18.55 19.06
CA GLN A 128 -4.25 19.28 20.17
C GLN A 128 -4.45 20.80 20.00
N LYS A 129 -4.17 21.30 18.78
CA LYS A 129 -4.35 22.72 18.44
C LYS A 129 -5.80 23.22 18.52
N ARG A 130 -6.74 22.47 17.94
CA ARG A 130 -8.14 22.91 17.84
C ARG A 130 -8.97 22.65 19.10
N PHE A 131 -8.70 21.53 19.77
CA PHE A 131 -9.52 21.06 20.86
C PHE A 131 -8.77 20.76 22.16
N SER A 132 -7.44 20.78 22.12
CA SER A 132 -6.61 20.22 23.20
C SER A 132 -7.10 18.79 23.60
N TYR A 133 -7.38 18.01 22.57
CA TYR A 133 -7.63 16.57 22.68
C TYR A 133 -6.37 15.80 22.32
N LYS A 134 -6.04 14.81 23.16
CA LYS A 134 -4.94 13.87 22.89
C LYS A 134 -5.50 12.67 22.04
N TRP A 135 -5.14 12.70 20.75
CA TRP A 135 -5.32 11.58 19.82
C TRP A 135 -4.09 10.68 20.02
N PHE A 136 -4.24 9.56 20.72
CA PHE A 136 -3.07 8.72 21.00
C PHE A 136 -2.49 8.12 19.73
N ASP A 137 -1.29 7.54 19.87
CA ASP A 137 -0.73 6.72 18.83
C ASP A 137 -1.63 5.48 18.69
N SER A 138 -1.45 4.73 17.61
CA SER A 138 -2.43 3.70 17.26
C SER A 138 -2.34 2.51 18.21
N TYR A 139 -3.46 1.85 18.44
CA TYR A 139 -3.45 0.51 19.00
C TYR A 139 -2.59 -0.41 18.17
N GLY A 140 -2.60 -0.22 16.85
CA GLY A 140 -1.72 -0.98 15.99
C GLY A 140 -2.41 -1.58 14.79
N PHE A 141 -3.70 -1.35 14.71
CA PHE A 141 -4.47 -1.88 13.61
C PHE A 141 -5.07 -0.75 12.73
N ASP A 142 -5.40 -1.13 11.51
CA ASP A 142 -6.02 -0.30 10.44
C ASP A 142 -7.40 -0.93 10.21
N ASN A 143 -8.45 -0.17 10.28
CA ASN A 143 -9.65 -0.66 9.74
C ASN A 143 -9.80 0.05 8.38
N THR A 144 -9.37 -0.62 7.31
CA THR A 144 -9.39 0.00 5.95
C THR A 144 -10.41 -0.74 5.09
N TYR A 145 -10.92 -0.06 4.07
CA TYR A 145 -11.66 -0.72 3.01
C TYR A 145 -10.71 -1.67 2.31
N ALA A 146 -11.20 -2.87 2.02
CA ALA A 146 -10.35 -3.89 1.45
C ALA A 146 -11.11 -4.72 0.44
N PHE A 147 -10.68 -4.64 -0.82
CA PHE A 147 -11.26 -5.49 -1.85
C PHE A 147 -10.80 -6.89 -1.55
N THR A 148 -11.80 -7.77 -1.44
CA THR A 148 -11.61 -9.10 -0.89
C THR A 148 -12.27 -10.15 -1.80
N VAL A 149 -11.58 -11.26 -2.02
CA VAL A 149 -12.04 -12.39 -2.83
C VAL A 149 -11.64 -13.70 -2.12
N THR A 150 -12.20 -14.83 -2.52
CA THR A 150 -11.70 -16.15 -2.04
C THR A 150 -10.34 -16.47 -2.68
N LYS A 151 -9.52 -17.28 -2.01
CA LYS A 151 -8.24 -17.70 -2.58
C LYS A 151 -8.44 -18.53 -3.84
N LYS A 152 -9.41 -19.42 -3.77
CA LYS A 152 -9.90 -20.19 -4.88
C LYS A 152 -10.18 -19.31 -6.11
N PHE A 153 -10.94 -18.23 -5.91
CA PHE A 153 -11.26 -17.32 -7.01
C PHE A 153 -10.03 -16.51 -7.48
N ALA A 154 -9.08 -16.28 -6.58
CA ALA A 154 -7.91 -15.49 -6.91
C ALA A 154 -6.99 -16.29 -7.83
N GLU A 155 -6.94 -17.61 -7.63
CA GLU A 155 -6.23 -18.50 -8.55
C GLU A 155 -6.92 -18.66 -9.91
N LYS A 156 -8.25 -18.82 -9.91
CA LYS A 156 -9.03 -18.97 -11.15
C LYS A 156 -8.97 -17.74 -12.07
N GLU A 157 -9.00 -16.53 -11.49
CA GLU A 157 -8.99 -15.31 -12.29
C GLU A 157 -7.62 -14.62 -12.33
N HIS A 158 -6.66 -15.24 -11.68
CA HIS A 158 -5.34 -14.69 -11.52
C HIS A 158 -5.25 -13.29 -10.88
N ILE A 159 -5.71 -13.15 -9.65
CA ILE A 159 -5.87 -11.86 -8.99
C ILE A 159 -5.00 -11.73 -7.73
N ASN A 160 -4.10 -10.75 -7.71
CA ASN A 160 -3.37 -10.40 -6.50
C ASN A 160 -3.61 -8.94 -6.08
N THR A 161 -3.89 -8.06 -7.04
CA THR A 161 -4.07 -6.65 -6.77
C THR A 161 -5.42 -6.20 -7.20
N VAL A 162 -5.81 -5.01 -6.78
CA VAL A 162 -7.07 -4.45 -7.24
C VAL A 162 -7.06 -4.24 -8.76
N SER A 163 -5.91 -3.80 -9.28
CA SER A 163 -5.73 -3.59 -10.70
C SER A 163 -5.96 -4.86 -11.54
N ASP A 164 -5.65 -6.04 -11.02
CA ASP A 164 -5.88 -7.28 -11.75
C ASP A 164 -7.37 -7.55 -12.02
N LEU A 165 -8.22 -6.92 -11.21
CA LEU A 165 -9.67 -7.02 -11.38
C LEU A 165 -10.12 -6.30 -12.65
N LYS A 166 -9.25 -5.45 -13.22
CA LYS A 166 -9.60 -4.65 -14.40
C LYS A 166 -10.06 -5.51 -15.57
N LYS A 167 -9.27 -6.52 -15.91
CA LYS A 167 -9.49 -7.26 -17.13
C LYS A 167 -10.92 -7.79 -17.26
N ASN A 168 -11.42 -8.45 -16.24
CA ASN A 168 -12.73 -9.07 -16.31
C ASN A 168 -13.79 -8.38 -15.47
N ALA A 169 -13.54 -7.11 -15.16
CA ALA A 169 -14.39 -6.34 -14.26
C ALA A 169 -15.89 -6.33 -14.61
N SER A 170 -16.18 -6.35 -15.91
CA SER A 170 -17.54 -6.26 -16.41
C SER A 170 -18.30 -7.56 -16.08
N GLN A 171 -17.55 -8.64 -15.87
CA GLN A 171 -18.16 -9.94 -15.53
C GLN A 171 -18.36 -10.21 -14.04
N TYR A 172 -18.08 -9.21 -13.20
CA TYR A 172 -18.06 -9.41 -11.74
C TYR A 172 -19.15 -8.69 -10.98
N LYS A 173 -19.71 -9.40 -10.00
CA LYS A 173 -20.57 -8.81 -8.99
C LYS A 173 -19.75 -8.38 -7.77
N LEU A 174 -19.84 -7.10 -7.39
CA LEU A 174 -19.24 -6.55 -6.18
C LEU A 174 -20.24 -6.16 -5.09
N GLY A 175 -20.05 -6.74 -3.89
CA GLY A 175 -20.79 -6.37 -2.71
C GLY A 175 -20.11 -5.22 -1.99
N VAL A 176 -20.91 -4.22 -1.63
CA VAL A 176 -20.42 -3.08 -0.85
C VAL A 176 -21.36 -2.78 0.28
N ASP A 177 -20.90 -1.97 1.27
CA ASP A 177 -21.82 -1.50 2.32
C ASP A 177 -22.84 -0.48 1.74
N ASN A 178 -23.77 -0.03 2.58
CA ASN A 178 -24.91 0.81 2.14
C ASN A 178 -24.57 2.27 1.82
N ALA A 179 -23.34 2.66 2.13
CA ALA A 179 -22.89 4.05 2.04
C ALA A 179 -21.77 4.29 0.99
N TRP A 180 -21.10 3.23 0.57
CA TRP A 180 -19.85 3.42 -0.15
C TRP A 180 -19.98 4.03 -1.54
N LEU A 181 -21.04 3.69 -2.25
CA LEU A 181 -21.22 4.13 -3.64
C LEU A 181 -21.34 5.65 -3.81
N LYS A 182 -21.90 6.29 -2.80
CA LYS A 182 -22.15 7.72 -2.77
C LYS A 182 -21.12 8.44 -1.91
N ARG A 183 -20.25 7.68 -1.28
CA ARG A 183 -19.25 8.26 -0.44
C ARG A 183 -18.26 9.11 -1.21
N LYS A 184 -17.91 10.25 -0.64
CA LYS A 184 -16.95 11.17 -1.21
C LYS A 184 -15.52 10.88 -0.81
N GLY A 185 -14.62 11.15 -1.72
CA GLY A 185 -13.22 11.00 -1.49
C GLY A 185 -12.70 9.60 -1.71
N ASP A 186 -13.02 8.68 -0.82
CA ASP A 186 -12.55 7.32 -0.93
C ASP A 186 -13.73 6.43 -1.24
N GLY A 187 -14.69 6.98 -1.99
CA GLY A 187 -15.89 6.25 -2.37
C GLY A 187 -15.79 5.71 -3.78
N TYR A 188 -16.88 5.11 -4.26
CA TYR A 188 -16.93 4.53 -5.59
C TYR A 188 -16.54 5.50 -6.70
N LYS A 189 -16.95 6.75 -6.54
CA LYS A 189 -16.69 7.77 -7.51
C LYS A 189 -15.19 7.99 -7.65
N GLY A 190 -14.51 8.24 -6.53
CA GLY A 190 -13.06 8.40 -6.54
C GLY A 190 -12.39 7.15 -7.03
N PHE A 191 -12.99 6.00 -6.70
CA PHE A 191 -12.41 4.71 -7.08
C PHE A 191 -12.32 4.62 -8.60
N VAL A 192 -13.44 4.84 -9.27
CA VAL A 192 -13.50 4.73 -10.72
C VAL A 192 -12.50 5.66 -11.38
N SER A 193 -12.43 6.88 -10.90
CA SER A 193 -11.45 7.84 -11.37
C SER A 193 -10.00 7.39 -11.19
N THR A 194 -9.70 6.73 -10.07
CA THR A 194 -8.34 6.30 -9.78
C THR A 194 -7.96 4.98 -10.47
N TYR A 195 -8.79 3.94 -10.34
CA TYR A 195 -8.45 2.68 -10.97
C TYR A 195 -8.89 2.61 -12.42
N GLY A 196 -9.82 3.49 -12.82
CA GLY A 196 -10.23 3.57 -14.22
C GLY A 196 -11.04 2.39 -14.75
N PHE A 197 -11.97 1.88 -13.95
CA PHE A 197 -12.86 0.83 -14.39
C PHE A 197 -14.04 0.71 -13.47
N GLU A 198 -15.12 0.18 -14.02
CA GLU A 198 -16.34 -0.05 -13.27
C GLU A 198 -16.49 -1.54 -13.11
N PHE A 199 -17.06 -1.94 -12.00
CA PHE A 199 -17.51 -3.29 -11.79
C PHE A 199 -18.82 -3.52 -12.51
N GLY A 200 -18.94 -4.68 -13.13
CA GLY A 200 -20.13 -4.99 -13.91
C GLY A 200 -21.44 -4.67 -13.22
N THR A 201 -21.61 -5.05 -11.96
CA THR A 201 -22.73 -4.63 -11.12
C THR A 201 -22.27 -4.47 -9.67
N THR A 202 -22.79 -3.48 -8.97
CA THR A 202 -22.47 -3.29 -7.59
C THR A 202 -23.73 -3.52 -6.80
N TYR A 203 -23.62 -4.17 -5.64
CA TYR A 203 -24.77 -4.46 -4.79
C TYR A 203 -24.53 -3.94 -3.38
N PRO A 204 -25.21 -2.84 -3.01
CA PRO A 204 -25.03 -2.39 -1.64
C PRO A 204 -25.82 -3.30 -0.72
N MET A 205 -25.34 -3.46 0.49
CA MET A 205 -25.94 -4.41 1.45
C MET A 205 -25.35 -4.12 2.81
N GLN A 206 -25.98 -4.63 3.88
CA GLN A 206 -25.40 -4.49 5.22
C GLN A 206 -23.99 -5.08 5.16
N ILE A 207 -23.04 -4.40 5.79
CA ILE A 207 -21.69 -4.87 5.76
C ILE A 207 -21.54 -6.30 6.28
N GLY A 208 -22.22 -6.66 7.36
CA GLY A 208 -22.11 -8.00 7.91
C GLY A 208 -22.40 -9.15 6.96
N LEU A 209 -22.96 -8.84 5.79
CA LEU A 209 -23.34 -9.87 4.83
C LEU A 209 -22.28 -10.16 3.77
N VAL A 210 -21.29 -9.28 3.62
CA VAL A 210 -20.39 -9.37 2.46
C VAL A 210 -19.50 -10.61 2.57
N TYR A 211 -19.18 -10.97 3.80
CA TYR A 211 -18.24 -12.05 4.04
C TYR A 211 -18.81 -13.41 3.67
N ASP A 212 -20.04 -13.72 4.08
CA ASP A 212 -20.66 -14.99 3.64
C ASP A 212 -21.01 -14.94 2.18
N ALA A 213 -21.37 -13.75 1.71
CA ALA A 213 -21.61 -13.53 0.29
C ALA A 213 -20.42 -13.84 -0.61
N VAL A 214 -19.20 -13.38 -0.28
CA VAL A 214 -18.04 -13.77 -1.08
C VAL A 214 -17.72 -15.20 -0.93
N LYS A 215 -17.77 -15.68 0.31
CA LYS A 215 -17.47 -17.07 0.66
C LYS A 215 -18.25 -18.01 -0.20
N ASN A 216 -19.56 -17.83 -0.30
CA ASN A 216 -20.40 -18.79 -1.06
C ASN A 216 -20.52 -18.50 -2.57
N GLY A 217 -19.92 -17.41 -3.06
CA GLY A 217 -19.96 -17.12 -4.50
C GLY A 217 -21.14 -16.32 -4.98
N LYS A 218 -21.94 -15.80 -4.05
CA LYS A 218 -23.02 -14.86 -4.38
C LYS A 218 -22.43 -13.57 -4.98
N MET A 219 -21.36 -13.07 -4.35
CA MET A 219 -20.55 -12.00 -4.90
C MET A 219 -19.20 -12.57 -5.38
N ASP A 220 -18.65 -12.03 -6.46
CA ASP A 220 -17.27 -12.37 -6.88
C ASP A 220 -16.17 -11.65 -6.04
N ALA A 221 -16.44 -10.42 -5.62
CA ALA A 221 -15.56 -9.71 -4.73
C ALA A 221 -16.41 -8.87 -3.85
N VAL A 222 -15.87 -8.45 -2.72
CA VAL A 222 -16.57 -7.53 -1.87
C VAL A 222 -15.63 -6.48 -1.34
N LEU A 223 -16.17 -5.35 -0.92
CA LEU A 223 -15.35 -4.35 -0.26
C LEU A 223 -15.52 -4.53 1.24
N ALA A 224 -14.62 -5.29 1.82
CA ALA A 224 -14.73 -5.66 3.21
C ALA A 224 -14.08 -4.58 4.06
N TYR A 225 -14.25 -4.71 5.38
CA TYR A 225 -13.51 -3.93 6.37
C TYR A 225 -12.42 -4.86 6.83
N SER A 226 -11.18 -4.39 6.84
CA SER A 226 -10.05 -5.29 6.93
C SER A 226 -9.88 -5.95 8.30
N THR A 227 -10.60 -5.47 9.33
CA THR A 227 -10.45 -6.00 10.69
C THR A 227 -11.45 -7.09 11.00
N ASP A 228 -12.42 -7.31 10.10
CA ASP A 228 -13.48 -8.22 10.41
C ASP A 228 -12.96 -9.66 10.60
N GLY A 229 -13.50 -10.36 11.60
CA GLY A 229 -13.00 -11.69 11.98
C GLY A 229 -13.16 -12.70 10.86
N ARG A 230 -14.20 -12.53 10.07
CA ARG A 230 -14.51 -13.51 9.04
C ARG A 230 -13.48 -13.53 7.91
N ILE A 231 -12.67 -12.49 7.82
CA ILE A 231 -11.52 -12.50 6.94
C ILE A 231 -10.54 -13.59 7.41
N LYS A 232 -10.43 -13.75 8.74
CA LYS A 232 -9.66 -14.83 9.34
C LYS A 232 -10.32 -16.16 9.11
N ALA A 233 -11.53 -16.28 9.63
CA ALA A 233 -12.23 -17.53 9.69
C ALA A 233 -12.40 -18.15 8.30
N TYR A 234 -12.59 -17.30 7.31
CA TYR A 234 -12.98 -17.80 5.99
C TYR A 234 -11.76 -17.80 5.15
N ASP A 235 -10.70 -17.23 5.72
CA ASP A 235 -9.43 -17.08 5.06
C ASP A 235 -9.56 -16.41 3.66
N LEU A 236 -10.13 -15.24 3.61
CA LEU A 236 -10.34 -14.62 2.31
C LEU A 236 -9.06 -13.87 1.92
N LYS A 237 -8.92 -13.49 0.65
CA LYS A 237 -7.74 -12.79 0.20
C LYS A 237 -8.01 -11.30 0.08
N ILE A 238 -7.27 -10.51 0.85
CA ILE A 238 -7.34 -9.07 0.73
C ILE A 238 -6.41 -8.70 -0.41
N LEU A 239 -6.98 -8.13 -1.46
CA LEU A 239 -6.20 -7.66 -2.60
C LEU A 239 -5.37 -6.43 -2.29
N LYS A 240 -4.17 -6.38 -2.85
CA LYS A 240 -3.31 -5.19 -2.76
C LYS A 240 -3.92 -3.97 -3.45
N ASP A 241 -3.91 -2.85 -2.75
CA ASP A 241 -4.43 -1.58 -3.26
C ASP A 241 -3.22 -0.89 -3.86
N ASP A 242 -2.87 -1.34 -5.06
CA ASP A 242 -1.61 -1.00 -5.74
C ASP A 242 -1.50 0.48 -6.13
N LYS A 243 -2.65 1.15 -6.27
CA LYS A 243 -2.63 2.58 -6.52
C LYS A 243 -2.74 3.39 -5.24
N ARG A 244 -2.82 2.70 -4.09
CA ARG A 244 -2.94 3.33 -2.79
C ARG A 244 -4.10 4.37 -2.78
N PHE A 245 -5.26 3.92 -3.26
CA PHE A 245 -6.45 4.76 -3.37
C PHE A 245 -7.00 5.13 -2.01
N PHE A 246 -7.14 4.13 -1.14
CA PHE A 246 -7.65 4.35 0.20
C PHE A 246 -6.63 4.98 1.15
N PRO A 247 -7.05 6.04 1.85
CA PRO A 247 -6.16 6.63 2.85
C PRO A 247 -5.94 5.64 4.00
N PRO A 248 -5.01 5.91 4.92
CA PRO A 248 -4.89 4.93 6.02
C PRO A 248 -5.99 5.13 7.04
N TYR A 249 -6.30 4.11 7.79
CA TYR A 249 -7.31 4.17 8.81
C TYR A 249 -6.84 3.63 10.16
N ASP A 250 -5.63 3.97 10.59
CA ASP A 250 -5.17 3.55 11.91
C ASP A 250 -6.11 3.94 13.02
N CYS A 251 -6.35 3.01 13.90
CA CYS A 251 -7.25 3.22 15.00
C CYS A 251 -6.50 3.64 16.25
N SER A 252 -7.01 4.68 16.90
CA SER A 252 -6.51 5.24 18.15
C SER A 252 -7.67 5.63 19.10
N PRO A 253 -7.40 5.59 20.43
CA PRO A 253 -8.30 6.22 21.39
C PRO A 253 -8.11 7.75 21.37
N VAL A 254 -9.20 8.47 21.61
CA VAL A 254 -9.13 9.93 21.80
C VAL A 254 -9.60 10.34 23.22
N ILE A 255 -8.77 11.08 23.93
CA ILE A 255 -9.10 11.56 25.28
C ILE A 255 -8.65 13.03 25.43
N PRO A 256 -9.50 13.89 26.01
CA PRO A 256 -9.07 15.29 26.25
C PRO A 256 -7.94 15.38 27.28
N GLU A 257 -6.99 16.29 27.04
CA GLU A 257 -5.90 16.55 28.00
C GLU A 257 -6.44 17.01 29.36
N LYS A 258 -7.65 17.59 29.35
CA LYS A 258 -8.34 18.01 30.58
C LYS A 258 -8.75 16.79 31.43
N VAL A 259 -9.28 15.77 30.77
CA VAL A 259 -9.62 14.54 31.44
C VAL A 259 -8.35 13.90 31.99
N LEU A 260 -7.30 13.85 31.17
CA LEU A 260 -6.02 13.27 31.58
C LEU A 260 -5.38 14.01 32.76
N LYS A 261 -5.59 15.32 32.82
CA LYS A 261 -5.07 16.14 33.93
C LYS A 261 -5.80 15.82 35.25
N GLU A 262 -7.12 15.74 35.18
CA GLU A 262 -7.96 15.44 36.35
C GLU A 262 -7.73 14.04 36.92
N HIS A 263 -7.35 13.10 36.06
CA HIS A 263 -6.95 11.78 36.51
C HIS A 263 -5.58 11.39 35.94
N PRO A 264 -4.48 11.87 36.57
CA PRO A 264 -3.08 11.68 36.11
C PRO A 264 -2.63 10.23 35.94
N GLU A 265 -3.40 9.30 36.50
CA GLU A 265 -3.11 7.87 36.39
C GLU A 265 -3.64 7.27 35.07
N LEU A 266 -4.45 8.05 34.35
CA LEU A 266 -5.16 7.58 33.16
C LEU A 266 -4.25 7.29 31.96
N GLU A 267 -3.41 8.27 31.60
CA GLU A 267 -2.51 8.16 30.45
C GLU A 267 -1.69 6.88 30.48
N GLY A 268 -1.06 6.63 31.62
CA GLY A 268 -0.29 5.40 31.84
C GLY A 268 -1.08 4.14 31.56
N VAL A 269 -2.35 4.12 31.97
CA VAL A 269 -3.22 2.98 31.72
C VAL A 269 -3.47 2.77 30.20
N ILE A 270 -3.88 3.83 29.53
CA ILE A 270 -4.10 3.78 28.09
C ILE A 270 -2.85 3.47 27.26
N ASN A 271 -1.72 4.07 27.62
CA ASN A 271 -0.44 3.81 26.99
C ASN A 271 -0.15 2.32 26.90
N LYS A 272 -0.72 1.54 27.82
CA LYS A 272 -0.47 0.11 27.84
C LYS A 272 -1.08 -0.61 26.65
N LEU A 273 -2.06 0.03 26.04
CA LEU A 273 -2.74 -0.55 24.86
C LEU A 273 -2.09 -0.14 23.55
N ILE A 274 -1.40 0.98 23.56
CA ILE A 274 -0.75 1.51 22.39
C ILE A 274 0.30 0.52 21.87
N GLY A 275 0.26 0.23 20.57
CA GLY A 275 1.14 -0.74 19.94
C GLY A 275 0.74 -2.19 20.16
N GLN A 276 -0.30 -2.46 20.95
CA GLN A 276 -0.56 -3.83 21.37
C GLN A 276 -1.60 -4.59 20.58
N ILE A 277 -2.31 -3.93 19.66
CA ILE A 277 -3.33 -4.63 18.92
C ILE A 277 -3.19 -4.46 17.40
N ASP A 278 -2.56 -5.44 16.76
CA ASP A 278 -2.39 -5.36 15.36
C ASP A 278 -3.62 -5.90 14.67
N THR A 279 -3.64 -5.79 13.35
CA THR A 279 -4.80 -6.12 12.56
C THR A 279 -5.26 -7.56 12.77
N GLU A 280 -4.28 -8.46 12.73
CA GLU A 280 -4.46 -9.89 12.97
C GLU A 280 -5.09 -10.13 14.34
N THR A 281 -4.56 -9.54 15.40
CA THR A 281 -5.22 -9.64 16.73
C THR A 281 -6.66 -9.10 16.73
N MET A 282 -6.88 -7.94 16.10
CA MET A 282 -8.18 -7.31 16.13
C MET A 282 -9.17 -8.20 15.38
N GLN A 283 -8.72 -8.76 14.26
CA GLN A 283 -9.51 -9.77 13.55
C GLN A 283 -9.84 -10.93 14.48
N GLU A 284 -8.83 -11.46 15.16
CA GLU A 284 -9.07 -12.54 16.14
C GLU A 284 -10.07 -12.13 17.24
N LEU A 285 -9.90 -10.93 17.79
CA LEU A 285 -10.85 -10.48 18.83
C LEU A 285 -12.24 -10.30 18.24
N ASN A 286 -12.30 -9.72 17.05
CA ASN A 286 -13.58 -9.59 16.36
C ASN A 286 -14.27 -10.94 16.11
N TYR A 287 -13.52 -11.98 15.71
CA TYR A 287 -14.21 -13.29 15.45
C TYR A 287 -14.76 -13.89 16.73
N GLU A 288 -14.10 -13.64 17.86
CA GLU A 288 -14.57 -14.12 19.17
C GLU A 288 -15.98 -13.65 19.50
N VAL A 289 -16.31 -12.45 19.02
CA VAL A 289 -17.67 -11.92 19.13
C VAL A 289 -18.55 -12.38 17.97
N ASP A 290 -18.12 -12.07 16.74
CA ASP A 290 -18.98 -12.25 15.57
C ASP A 290 -19.19 -13.73 15.21
N GLY A 291 -18.13 -14.52 15.29
CA GLY A 291 -18.18 -15.94 14.96
C GLY A 291 -18.42 -16.87 16.14
N LYS A 292 -17.70 -16.68 17.25
CA LYS A 292 -17.89 -17.53 18.43
C LYS A 292 -19.00 -17.08 19.38
N LEU A 293 -19.57 -15.90 19.13
CA LEU A 293 -20.76 -15.38 19.84
C LEU A 293 -20.54 -14.97 21.30
N LYS A 294 -19.30 -14.64 21.65
CA LYS A 294 -18.99 -14.17 22.99
C LYS A 294 -19.28 -12.68 23.16
N GLU A 295 -19.62 -12.31 24.38
CA GLU A 295 -19.80 -10.91 24.74
C GLU A 295 -18.48 -10.13 24.65
N PRO A 296 -18.54 -8.91 24.15
CA PRO A 296 -17.35 -8.03 24.08
C PRO A 296 -16.63 -7.88 25.43
N SER A 297 -17.37 -7.83 26.54
CA SER A 297 -16.72 -7.72 27.86
C SER A 297 -15.83 -8.93 28.15
N VAL A 298 -16.36 -10.12 27.84
CA VAL A 298 -15.65 -11.36 28.06
C VAL A 298 -14.41 -11.46 27.16
N VAL A 299 -14.55 -11.08 25.88
CA VAL A 299 -13.42 -11.15 24.94
C VAL A 299 -12.33 -10.22 25.40
N ALA A 300 -12.72 -9.04 25.86
CA ALA A 300 -11.76 -8.07 26.39
C ALA A 300 -11.04 -8.62 27.65
N LYS A 301 -11.82 -9.19 28.58
CA LYS A 301 -11.29 -9.80 29.82
C LYS A 301 -10.24 -10.89 29.47
N GLU A 302 -10.65 -11.86 28.66
CA GLU A 302 -9.78 -12.94 28.29
C GLU A 302 -8.48 -12.44 27.64
N PHE A 303 -8.60 -11.44 26.76
CA PHE A 303 -7.46 -10.76 26.17
C PHE A 303 -6.54 -10.12 27.21
N LEU A 304 -7.08 -9.29 28.09
CA LEU A 304 -6.28 -8.73 29.19
C LEU A 304 -5.60 -9.80 30.08
N GLU A 305 -6.30 -10.91 30.34
CA GLU A 305 -5.74 -12.00 31.16
C GLU A 305 -4.59 -12.70 30.45
N LYS A 306 -4.80 -13.00 29.15
CA LYS A 306 -3.79 -13.56 28.26
C LYS A 306 -2.50 -12.73 28.25
N HIS A 307 -2.64 -11.42 28.30
CA HIS A 307 -1.49 -10.50 28.27
C HIS A 307 -1.14 -9.93 29.63
N HIS A 308 -1.65 -10.56 30.69
CA HIS A 308 -1.27 -10.21 32.09
C HIS A 308 -1.63 -8.81 32.55
N TYR A 309 -2.84 -8.38 32.22
CA TYR A 309 -3.41 -7.18 32.83
C TYR A 309 -4.75 -7.40 33.62
N ASP B 40 16.07 13.42 -37.83
CA ASP B 40 17.45 13.00 -37.49
C ASP B 40 17.46 11.58 -36.86
N THR B 41 18.53 11.28 -36.13
CA THR B 41 18.58 10.06 -35.36
C THR B 41 18.03 10.31 -33.94
N ILE B 42 17.09 9.47 -33.52
CA ILE B 42 16.56 9.61 -32.18
C ILE B 42 17.37 8.77 -31.21
N LYS B 43 18.06 9.46 -30.31
CA LYS B 43 18.97 8.79 -29.39
C LYS B 43 18.23 8.41 -28.11
N ILE B 44 18.29 7.13 -27.77
CA ILE B 44 17.45 6.58 -26.69
C ILE B 44 18.37 6.00 -25.65
N GLY B 45 18.27 6.52 -24.43
CA GLY B 45 19.16 6.15 -23.32
C GLY B 45 18.61 4.98 -22.51
N ALA B 46 19.47 4.11 -22.08
CA ALA B 46 19.12 3.06 -21.18
C ALA B 46 20.15 2.96 -20.10
N GLN B 47 19.71 2.73 -18.88
CA GLN B 47 20.61 2.42 -17.82
C GLN B 47 21.05 1.00 -17.94
N SER B 48 22.01 0.62 -17.10
CA SER B 48 22.48 -0.77 -17.09
C SER B 48 21.52 -1.70 -16.36
N MET B 49 20.22 -1.57 -16.66
CA MET B 49 19.24 -2.40 -16.08
C MET B 49 18.63 -3.09 -17.24
N THR B 50 18.26 -4.33 -17.07
CA THR B 50 17.65 -5.12 -18.11
C THR B 50 16.34 -4.58 -18.70
N GLU B 51 15.40 -4.24 -17.86
CA GLU B 51 14.13 -3.64 -18.36
C GLU B 51 14.33 -2.38 -19.22
N SER B 52 15.34 -1.61 -18.85
CA SER B 52 15.70 -0.37 -19.47
C SER B 52 16.21 -0.67 -20.90
N GLU B 53 17.01 -1.71 -21.07
CA GLU B 53 17.49 -2.13 -22.42
C GLU B 53 16.37 -2.70 -23.28
N ILE B 54 15.55 -3.52 -22.67
CA ILE B 54 14.33 -4.04 -23.34
C ILE B 54 13.37 -2.91 -23.80
N VAL B 55 13.03 -2.01 -22.89
CA VAL B 55 12.07 -0.94 -23.22
C VAL B 55 12.65 0.03 -24.25
N ALA B 56 13.97 0.23 -24.23
CA ALA B 56 14.63 1.13 -25.16
C ALA B 56 14.61 0.56 -26.59
N ASN B 57 14.92 -0.74 -26.69
CA ASN B 57 14.81 -1.46 -27.97
C ASN B 57 13.39 -1.46 -28.48
N MET B 58 12.47 -1.61 -27.53
CA MET B 58 11.04 -1.57 -27.80
C MET B 58 10.62 -0.20 -28.38
N ILE B 59 11.12 0.89 -27.80
CA ILE B 59 10.85 2.20 -28.33
C ILE B 59 11.51 2.44 -29.68
N ALA B 60 12.76 2.02 -29.83
CA ALA B 60 13.45 2.21 -31.09
C ALA B 60 12.74 1.44 -32.17
N GLN B 61 12.30 0.21 -31.90
CA GLN B 61 11.65 -0.59 -32.91
C GLN B 61 10.28 -0.05 -33.29
N LEU B 62 9.57 0.54 -32.32
CA LEU B 62 8.24 1.06 -32.60
C LEU B 62 8.33 2.33 -33.44
N ILE B 63 9.41 3.09 -33.21
CA ILE B 63 9.67 4.32 -33.94
C ILE B 63 9.92 3.98 -35.42
N GLU B 64 10.75 2.97 -35.65
CA GLU B 64 11.12 2.57 -37.02
C GLU B 64 9.99 1.84 -37.75
N HIS B 65 9.04 1.32 -36.98
CA HIS B 65 7.82 0.77 -37.55
C HIS B 65 6.82 1.83 -38.03
N ASP B 66 6.49 2.77 -37.14
CA ASP B 66 5.47 3.79 -37.39
C ASP B 66 5.93 4.98 -38.23
N THR B 67 7.23 5.04 -38.48
CA THR B 67 7.89 6.28 -38.83
C THR B 67 9.10 6.03 -39.76
N ASP B 68 9.61 7.10 -40.39
CA ASP B 68 10.84 7.11 -41.18
C ASP B 68 12.08 7.66 -40.43
N LEU B 69 11.97 7.87 -39.11
CA LEU B 69 13.13 8.31 -38.32
C LEU B 69 14.09 7.19 -38.03
N ASN B 70 15.37 7.53 -37.94
CA ASN B 70 16.40 6.57 -37.54
C ASN B 70 16.52 6.63 -36.01
N THR B 71 16.97 5.54 -35.40
CA THR B 71 17.21 5.49 -33.95
C THR B 71 18.59 4.94 -33.66
N ALA B 72 19.11 5.26 -32.47
CA ALA B 72 20.34 4.67 -31.94
C ALA B 72 20.16 4.50 -30.44
N LEU B 73 20.88 3.54 -29.86
CA LEU B 73 20.81 3.32 -28.44
C LEU B 73 22.04 3.90 -27.77
N VAL B 74 21.83 4.56 -26.64
CA VAL B 74 22.93 4.95 -25.78
C VAL B 74 22.80 4.10 -24.52
N LYS B 75 23.69 3.16 -24.35
CA LYS B 75 23.60 2.19 -23.31
C LYS B 75 24.56 2.36 -22.16
N ASN B 76 24.25 1.66 -21.10
CA ASN B 76 25.04 1.60 -19.91
C ASN B 76 25.28 2.95 -19.29
N LEU B 77 24.26 3.75 -19.27
CA LEU B 77 24.32 4.96 -18.55
C LEU B 77 24.26 4.59 -17.07
N GLY B 78 25.06 5.27 -16.25
CA GLY B 78 25.12 4.98 -14.84
C GLY B 78 23.88 5.38 -14.06
N SER B 79 24.07 6.26 -13.09
CA SER B 79 23.00 6.69 -12.21
C SER B 79 21.91 7.37 -12.98
N ASN B 80 20.83 7.67 -12.31
CA ASN B 80 19.83 8.47 -12.96
C ASN B 80 20.25 9.92 -13.04
N TYR B 81 21.14 10.32 -12.16
CA TYR B 81 21.83 11.59 -12.29
C TYR B 81 22.55 11.66 -13.62
N VAL B 82 23.19 10.59 -14.00
CA VAL B 82 23.95 10.51 -15.23
C VAL B 82 23.04 10.59 -16.40
N GLN B 83 21.93 9.89 -16.27
CA GLN B 83 20.90 9.86 -17.30
C GLN B 83 20.36 11.27 -17.52
N HIS B 84 20.12 11.99 -16.43
CA HIS B 84 19.56 13.32 -16.48
C HIS B 84 20.56 14.30 -17.07
N GLN B 85 21.83 14.14 -16.74
CA GLN B 85 22.86 15.01 -17.33
C GLN B 85 22.97 14.73 -18.82
N ALA B 86 22.83 13.46 -19.20
CA ALA B 86 22.89 13.06 -20.61
C ALA B 86 21.80 13.72 -21.44
N MET B 87 20.60 13.84 -20.85
CA MET B 87 19.50 14.49 -21.56
C MET B 87 19.68 16.00 -21.54
N LEU B 88 20.24 16.53 -20.44
CA LEU B 88 20.48 17.97 -20.36
C LEU B 88 21.35 18.41 -21.55
N GLY B 89 22.48 17.74 -21.74
CA GLY B 89 23.43 18.06 -22.79
C GLY B 89 23.09 17.58 -24.19
N GLY B 90 21.90 17.02 -24.38
CA GLY B 90 21.44 16.61 -25.72
C GLY B 90 22.03 15.30 -26.23
N ASP B 91 22.69 14.54 -25.34
CA ASP B 91 23.27 13.22 -25.66
C ASP B 91 22.18 12.13 -25.86
N ILE B 92 21.04 12.28 -25.21
CA ILE B 92 19.90 11.38 -25.44
C ILE B 92 18.67 12.23 -25.62
N ASP B 93 17.80 11.79 -26.51
CA ASP B 93 16.57 12.51 -26.79
C ASP B 93 15.42 11.85 -26.01
N ILE B 94 15.63 10.62 -25.57
CA ILE B 94 14.60 9.88 -24.86
C ILE B 94 15.25 9.08 -23.75
N SER B 95 14.76 9.26 -22.52
CA SER B 95 15.01 8.32 -21.43
C SER B 95 13.96 7.22 -21.50
N ALA B 96 14.35 6.00 -21.88
CA ALA B 96 13.45 4.86 -21.92
C ALA B 96 12.76 4.60 -20.58
N THR B 97 13.51 4.59 -19.48
CA THR B 97 12.93 4.21 -18.18
C THR B 97 13.34 5.15 -17.05
N ARG B 98 12.37 5.82 -16.45
CA ARG B 98 12.61 6.67 -15.32
C ARG B 98 11.53 6.34 -14.28
N TYR B 99 11.89 6.50 -13.02
CA TYR B 99 11.08 6.02 -11.89
C TYR B 99 10.68 7.20 -11.03
N SER B 100 9.38 7.36 -10.79
CA SER B 100 8.86 8.62 -10.23
C SER B 100 9.47 8.89 -8.85
N GLY B 101 9.45 7.89 -7.97
CA GLY B 101 10.04 7.99 -6.64
C GLY B 101 11.51 8.40 -6.68
N THR B 102 12.24 7.87 -7.67
CA THR B 102 13.67 8.16 -7.77
C THR B 102 13.91 9.66 -8.10
N ASP B 103 13.37 10.14 -9.22
CA ASP B 103 13.61 11.55 -9.62
C ASP B 103 12.97 12.56 -8.68
N LEU B 104 11.89 12.16 -8.03
CA LEU B 104 11.16 13.04 -7.12
C LEU B 104 12.05 13.49 -5.94
N THR B 105 12.80 12.55 -5.37
CA THR B 105 13.67 12.85 -4.23
C THR B 105 15.13 13.16 -4.60
N SER B 106 15.58 12.89 -5.82
CA SER B 106 16.98 13.15 -6.16
C SER B 106 17.37 14.16 -7.24
N THR B 107 16.55 14.25 -8.29
CA THR B 107 16.69 15.30 -9.30
C THR B 107 15.86 16.48 -8.83
N LEU B 108 14.67 16.20 -8.31
CA LEU B 108 13.72 17.26 -7.94
C LEU B 108 13.86 17.77 -6.50
N GLY B 109 14.71 17.13 -5.70
CA GLY B 109 14.99 17.55 -4.32
C GLY B 109 13.81 17.61 -3.34
N LYS B 110 12.73 16.90 -3.66
CA LYS B 110 11.47 17.00 -2.89
C LYS B 110 11.34 15.86 -1.90
N GLU B 111 10.47 16.02 -0.92
CA GLU B 111 10.28 14.92 -0.02
C GLU B 111 9.46 13.83 -0.65
N ALA B 112 9.64 12.61 -0.16
CA ALA B 112 9.05 11.44 -0.74
C ALA B 112 7.54 11.54 -0.63
N GLU B 113 6.83 11.25 -1.70
CA GLU B 113 5.38 11.29 -1.65
C GLU B 113 4.93 9.82 -1.77
N LYS B 114 4.04 9.37 -0.90
CA LYS B 114 3.61 7.97 -0.90
C LYS B 114 2.48 7.66 -1.88
N ASP B 115 1.66 8.65 -2.23
CA ASP B 115 0.58 8.45 -3.17
C ASP B 115 1.14 8.47 -4.59
N PRO B 116 1.06 7.33 -5.35
CA PRO B 116 1.62 7.27 -6.72
C PRO B 116 1.02 8.29 -7.67
N LYS B 117 -0.30 8.53 -7.60
CA LYS B 117 -0.95 9.55 -8.43
C LYS B 117 -0.40 10.97 -8.13
N LYS B 118 -0.40 11.33 -6.85
CA LYS B 118 0.23 12.57 -6.41
C LYS B 118 1.73 12.66 -6.79
N ALA B 119 2.50 11.58 -6.60
CA ALA B 119 3.91 11.59 -7.03
C ALA B 119 4.09 11.78 -8.55
N LEU B 120 3.23 11.15 -9.33
CA LEU B 120 3.26 11.30 -10.79
C LEU B 120 2.91 12.73 -11.16
N ASN B 121 1.79 13.23 -10.62
CA ASN B 121 1.39 14.63 -10.84
C ASN B 121 2.52 15.62 -10.53
N ILE B 122 3.25 15.39 -9.45
CA ILE B 122 4.33 16.30 -9.08
C ILE B 122 5.50 16.22 -10.03
N VAL B 123 5.88 15.00 -10.40
CA VAL B 123 7.03 14.84 -11.27
C VAL B 123 6.79 15.36 -12.69
N GLN B 124 5.56 15.16 -13.21
CA GLN B 124 5.13 15.72 -14.50
C GLN B 124 5.16 17.28 -14.49
N ASN B 125 4.48 17.87 -13.52
CA ASN B 125 4.50 19.32 -13.31
C ASN B 125 5.96 19.82 -13.18
N GLU B 126 6.73 19.23 -12.29
CA GLU B 126 8.08 19.72 -12.08
C GLU B 126 8.96 19.59 -13.32
N PHE B 127 8.88 18.47 -14.05
CA PHE B 127 9.68 18.30 -15.27
C PHE B 127 9.28 19.30 -16.36
N GLN B 128 7.98 19.51 -16.50
CA GLN B 128 7.43 20.50 -17.43
C GLN B 128 7.95 21.91 -17.09
N LYS B 129 7.84 22.27 -15.80
CA LYS B 129 8.10 23.64 -15.36
C LYS B 129 9.56 23.94 -15.34
N ARG B 130 10.37 23.01 -14.86
CA ARG B 130 11.79 23.28 -14.68
C ARG B 130 12.64 23.13 -15.96
N PHE B 131 12.26 22.19 -16.84
CA PHE B 131 13.11 21.78 -17.98
C PHE B 131 12.46 21.84 -19.36
N SER B 132 11.14 21.95 -19.41
CA SER B 132 10.35 21.65 -20.61
C SER B 132 10.51 20.20 -21.04
N TYR B 133 10.50 19.31 -20.04
CA TYR B 133 10.60 17.89 -20.30
C TYR B 133 9.20 17.29 -20.13
N LYS B 134 8.82 16.39 -21.03
CA LYS B 134 7.60 15.61 -20.82
C LYS B 134 7.95 14.30 -20.14
N TRP B 135 7.55 14.20 -18.87
CA TRP B 135 7.51 12.92 -18.15
C TRP B 135 6.15 12.29 -18.46
N PHE B 136 6.16 11.20 -19.22
CA PHE B 136 4.91 10.56 -19.71
C PHE B 136 4.18 9.84 -18.60
N ASP B 137 2.89 9.55 -18.79
CA ASP B 137 2.23 8.65 -17.89
C ASP B 137 2.95 7.29 -17.92
N SER B 138 2.70 6.48 -16.90
CA SER B 138 3.46 5.24 -16.73
C SER B 138 3.18 4.15 -17.75
N TYR B 139 4.22 3.37 -18.08
CA TYR B 139 4.05 2.09 -18.79
C TYR B 139 3.07 1.15 -18.06
N GLY B 140 3.05 1.21 -16.75
CA GLY B 140 2.16 0.43 -15.94
C GLY B 140 2.81 -0.47 -14.94
N PHE B 141 4.11 -0.35 -14.80
CA PHE B 141 4.83 -1.10 -13.84
C PHE B 141 5.67 -0.25 -12.92
N ASP B 142 5.96 -0.78 -11.75
CA ASP B 142 6.81 -0.13 -10.82
C ASP B 142 7.96 -1.05 -10.50
N ASN B 143 9.10 -0.52 -10.14
CA ASN B 143 10.25 -1.27 -9.76
C ASN B 143 10.64 -0.90 -8.34
N THR B 144 10.09 -1.60 -7.37
CA THR B 144 10.31 -1.24 -5.98
C THR B 144 10.89 -2.34 -5.14
N TYR B 145 11.43 -1.96 -4.02
CA TYR B 145 11.84 -2.92 -3.07
C TYR B 145 10.60 -3.64 -2.66
N ALA B 146 10.69 -4.95 -2.57
CA ALA B 146 9.53 -5.77 -2.32
C ALA B 146 9.95 -6.93 -1.46
N PHE B 147 9.38 -7.03 -0.26
CA PHE B 147 9.67 -8.18 0.61
C PHE B 147 9.07 -9.42 -0.01
N THR B 148 9.87 -10.48 -0.14
CA THR B 148 9.46 -11.62 -0.91
C THR B 148 9.67 -12.91 -0.13
N VAL B 149 8.70 -13.83 -0.26
CA VAL B 149 8.74 -15.15 0.38
C VAL B 149 8.25 -16.23 -0.62
N THR B 150 8.53 -17.51 -0.36
CA THR B 150 7.98 -18.54 -1.23
C THR B 150 6.51 -18.65 -0.88
N LYS B 151 5.72 -19.10 -1.87
CA LYS B 151 4.29 -19.36 -1.68
C LYS B 151 4.00 -20.41 -0.58
N LYS B 152 4.76 -21.50 -0.58
CA LYS B 152 4.65 -22.50 0.46
C LYS B 152 4.79 -21.92 1.90
N PHE B 153 5.78 -21.08 2.11
CA PHE B 153 5.95 -20.46 3.39
C PHE B 153 4.80 -19.50 3.69
N ALA B 154 4.43 -18.66 2.71
CA ALA B 154 3.31 -17.71 2.91
C ALA B 154 1.98 -18.40 3.24
N GLU B 155 1.67 -19.51 2.55
CA GLU B 155 0.45 -20.31 2.78
C GLU B 155 0.47 -20.96 4.16
N LYS B 156 1.61 -21.50 4.56
CA LYS B 156 1.66 -22.22 5.84
C LYS B 156 1.57 -21.26 7.02
N GLU B 157 2.43 -20.23 6.99
CA GLU B 157 2.50 -19.25 8.09
C GLU B 157 1.54 -18.10 7.92
N HIS B 158 0.74 -18.09 6.86
CA HIS B 158 -0.22 -17.01 6.65
C HIS B 158 0.45 -15.63 6.57
N ILE B 159 1.45 -15.52 5.72
CA ILE B 159 2.20 -14.29 5.51
C ILE B 159 1.64 -13.58 4.29
N ASN B 160 0.97 -12.45 4.47
CA ASN B 160 0.43 -11.69 3.35
C ASN B 160 1.00 -10.26 3.30
N THR B 161 1.35 -9.74 4.46
CA THR B 161 1.95 -8.42 4.63
C THR B 161 3.32 -8.50 5.30
N VAL B 162 4.10 -7.45 5.18
CA VAL B 162 5.41 -7.41 5.79
C VAL B 162 5.19 -7.50 7.30
N SER B 163 4.14 -6.83 7.78
CA SER B 163 3.79 -6.85 9.17
C SER B 163 3.53 -8.26 9.72
N ASP B 164 3.08 -9.18 8.89
CA ASP B 164 2.85 -10.55 9.32
C ASP B 164 4.15 -11.24 9.64
N LEU B 165 5.29 -10.66 9.21
CA LEU B 165 6.60 -11.21 9.55
C LEU B 165 7.01 -10.85 10.98
N LYS B 166 6.34 -9.89 11.61
CA LYS B 166 6.78 -9.33 12.88
C LYS B 166 6.73 -10.38 13.98
N LYS B 167 5.62 -11.10 14.03
CA LYS B 167 5.36 -12.11 15.03
C LYS B 167 6.61 -12.93 15.35
N ASN B 168 7.16 -13.54 14.29
CA ASN B 168 8.23 -14.51 14.41
C ASN B 168 9.59 -14.04 13.87
N ALA B 169 9.73 -12.72 13.66
CA ALA B 169 10.92 -12.16 13.03
C ALA B 169 12.27 -12.66 13.59
N SER B 170 12.34 -12.84 14.91
CA SER B 170 13.54 -13.27 15.61
C SER B 170 14.04 -14.66 15.19
N GLN B 171 13.18 -15.43 14.55
CA GLN B 171 13.53 -16.78 14.10
C GLN B 171 13.85 -16.79 12.60
N TYR B 172 13.78 -15.62 11.96
CA TYR B 172 13.89 -15.52 10.50
C TYR B 172 15.23 -14.95 10.04
N LYS B 173 15.67 -15.45 8.89
CA LYS B 173 16.81 -14.93 8.15
C LYS B 173 16.29 -14.07 7.00
N LEU B 174 16.87 -12.88 6.84
CA LEU B 174 16.51 -11.96 5.79
C LEU B 174 17.73 -11.67 4.93
N GLY B 175 17.59 -11.87 3.60
CA GLY B 175 18.61 -11.50 2.64
C GLY B 175 18.28 -10.15 2.02
N VAL B 176 19.23 -9.21 2.10
CA VAL B 176 19.09 -7.86 1.48
C VAL B 176 20.36 -7.46 0.73
N ASP B 177 20.25 -6.60 -0.30
CA ASP B 177 21.44 -6.03 -0.95
C ASP B 177 22.20 -5.14 0.03
N ASN B 178 23.53 -5.11 -0.09
CA ASN B 178 24.37 -4.35 0.85
C ASN B 178 24.03 -2.87 0.91
N ALA B 179 23.80 -2.26 -0.26
CA ALA B 179 23.47 -0.84 -0.29
C ALA B 179 22.30 -0.50 0.62
N TRP B 180 21.32 -1.40 0.73
CA TRP B 180 20.04 -1.06 1.37
C TRP B 180 20.18 -0.74 2.87
N LEU B 181 21.10 -1.42 3.54
CA LEU B 181 21.33 -1.18 4.95
C LEU B 181 21.77 0.27 5.24
N LYS B 182 22.30 0.92 4.22
CA LYS B 182 22.75 2.27 4.34
C LYS B 182 21.85 3.26 3.63
N ARG B 183 20.97 2.79 2.75
CA ARG B 183 20.15 3.68 1.97
C ARG B 183 19.33 4.50 2.93
N LYS B 184 19.17 5.78 2.64
CA LYS B 184 18.36 6.66 3.50
C LYS B 184 16.93 6.85 2.97
N GLY B 185 16.07 7.31 3.88
CA GLY B 185 14.65 7.51 3.59
C GLY B 185 13.95 6.16 3.41
N ASP B 186 14.45 5.39 2.45
CA ASP B 186 13.80 4.14 2.07
C ASP B 186 14.72 2.96 2.38
N GLY B 187 15.57 3.14 3.40
CA GLY B 187 16.52 2.14 3.83
C GLY B 187 16.17 1.41 5.13
N TYR B 188 17.08 0.54 5.54
CA TYR B 188 16.88 -0.34 6.67
C TYR B 188 16.61 0.33 8.01
N LYS B 189 17.24 1.48 8.26
CA LYS B 189 17.01 2.28 9.47
C LYS B 189 15.56 2.72 9.48
N GLY B 190 15.12 3.25 8.35
CA GLY B 190 13.73 3.64 8.13
C GLY B 190 12.78 2.47 8.37
N PHE B 191 13.15 1.29 7.87
CA PHE B 191 12.30 0.10 7.97
C PHE B 191 12.05 -0.30 9.43
N VAL B 192 13.13 -0.40 10.20
CA VAL B 192 13.03 -0.66 11.65
C VAL B 192 12.15 0.39 12.34
N SER B 193 12.36 1.65 12.03
CA SER B 193 11.55 2.75 12.55
C SER B 193 10.04 2.61 12.25
N THR B 194 9.70 2.20 11.04
CA THR B 194 8.31 2.15 10.58
C THR B 194 7.61 0.85 10.99
N TYR B 195 8.30 -0.25 10.78
CA TYR B 195 7.65 -1.51 11.00
C TYR B 195 7.84 -1.97 12.45
N GLY B 196 8.85 -1.41 13.11
CA GLY B 196 9.07 -1.68 14.54
C GLY B 196 9.55 -3.10 14.88
N PHE B 197 10.33 -3.72 14.00
CA PHE B 197 10.97 -4.97 14.35
C PHE B 197 12.24 -5.16 13.55
N GLU B 198 13.05 -6.15 13.96
CA GLU B 198 14.22 -6.60 13.21
C GLU B 198 14.17 -8.11 13.03
N PHE B 199 14.83 -8.61 12.01
CA PHE B 199 14.93 -10.06 11.80
C PHE B 199 16.07 -10.61 12.65
N GLY B 200 15.99 -11.88 13.00
CA GLY B 200 17.03 -12.55 13.82
C GLY B 200 18.40 -12.45 13.19
N THR B 201 18.47 -12.54 11.86
CA THR B 201 19.72 -12.29 11.15
C THR B 201 19.40 -11.70 9.81
N THR B 202 20.13 -10.65 9.46
CA THR B 202 19.99 -10.10 8.16
C THR B 202 21.32 -10.31 7.48
N TYR B 203 21.27 -10.76 6.25
CA TYR B 203 22.44 -11.05 5.49
C TYR B 203 22.58 -10.09 4.31
N PRO B 204 23.60 -9.22 4.36
CA PRO B 204 23.89 -8.37 3.20
C PRO B 204 24.40 -9.25 2.06
N MET B 205 23.87 -9.06 0.86
CA MET B 205 24.33 -9.85 -0.30
C MET B 205 23.98 -9.19 -1.67
N GLN B 206 24.60 -9.67 -2.76
CA GLN B 206 24.32 -9.18 -4.13
C GLN B 206 22.88 -9.49 -4.47
N ILE B 207 22.21 -8.54 -5.12
CA ILE B 207 20.75 -8.64 -5.30
C ILE B 207 20.39 -9.80 -6.21
N GLY B 208 21.31 -10.12 -7.14
CA GLY B 208 21.15 -11.26 -8.04
C GLY B 208 21.11 -12.60 -7.32
N LEU B 209 21.42 -12.63 -6.04
CA LEU B 209 21.47 -13.91 -5.30
C LEU B 209 20.27 -14.19 -4.37
N VAL B 210 19.42 -13.18 -4.13
CA VAL B 210 18.35 -13.29 -3.17
C VAL B 210 17.24 -14.22 -3.63
N TYR B 211 16.95 -14.24 -4.93
CA TYR B 211 15.90 -15.07 -5.50
C TYR B 211 16.13 -16.54 -5.24
N ASP B 212 17.34 -17.03 -5.56
CA ASP B 212 17.73 -18.44 -5.32
C ASP B 212 17.80 -18.75 -3.84
N ALA B 213 18.26 -17.78 -3.05
CA ALA B 213 18.34 -17.95 -1.60
C ALA B 213 16.98 -18.16 -0.96
N VAL B 214 15.97 -17.32 -1.27
CA VAL B 214 14.61 -17.59 -0.76
C VAL B 214 14.06 -18.89 -1.34
N LYS B 215 14.25 -19.10 -2.63
CA LYS B 215 13.71 -20.29 -3.30
C LYS B 215 14.21 -21.58 -2.64
N ASN B 216 15.51 -21.63 -2.34
CA ASN B 216 16.14 -22.82 -1.75
C ASN B 216 16.03 -22.88 -0.25
N GLY B 217 15.37 -21.91 0.37
CA GLY B 217 15.10 -22.02 1.81
C GLY B 217 16.24 -21.57 2.68
N LYS B 218 17.27 -20.95 2.09
CA LYS B 218 18.38 -20.39 2.87
C LYS B 218 17.95 -19.12 3.63
N MET B 219 17.07 -18.34 3.00
CA MET B 219 16.49 -17.15 3.63
C MET B 219 14.98 -17.33 3.76
N ASP B 220 14.40 -16.79 4.84
CA ASP B 220 12.96 -16.88 4.99
C ASP B 220 12.25 -15.84 4.17
N ALA B 221 12.86 -14.67 4.10
CA ALA B 221 12.41 -13.59 3.27
C ALA B 221 13.61 -12.89 2.64
N VAL B 222 13.37 -12.27 1.50
CA VAL B 222 14.36 -11.33 0.94
C VAL B 222 13.73 -10.02 0.53
N LEU B 223 14.58 -9.00 0.45
CA LEU B 223 14.17 -7.74 -0.13
C LEU B 223 14.55 -7.69 -1.60
N ALA B 224 13.61 -8.11 -2.46
CA ALA B 224 13.84 -8.27 -3.89
C ALA B 224 13.52 -6.99 -4.65
N TYR B 225 13.84 -6.96 -5.94
CA TYR B 225 13.34 -5.88 -6.81
C TYR B 225 12.14 -6.45 -7.49
N SER B 226 11.04 -5.70 -7.45
CA SER B 226 9.73 -6.21 -7.83
C SER B 226 9.59 -6.64 -9.31
N THR B 227 10.43 -6.11 -10.20
CA THR B 227 10.37 -6.53 -11.61
C THR B 227 11.37 -7.68 -11.98
N ASP B 228 12.08 -8.24 -11.01
CA ASP B 228 12.99 -9.34 -11.37
C ASP B 228 12.28 -10.54 -12.01
N GLY B 229 12.87 -11.03 -13.09
CA GLY B 229 12.41 -12.26 -13.77
C GLY B 229 12.04 -13.41 -12.84
N ARG B 230 12.85 -13.61 -11.82
CA ARG B 230 12.76 -14.83 -11.00
C ARG B 230 11.55 -14.82 -10.06
N ILE B 231 10.99 -13.65 -9.80
CA ILE B 231 9.75 -13.61 -9.02
C ILE B 231 8.68 -14.47 -9.70
N LYS B 232 8.49 -14.29 -11.01
CA LYS B 232 7.55 -15.12 -11.78
C LYS B 232 8.05 -16.55 -11.93
N ALA B 233 9.29 -16.68 -12.42
CA ALA B 233 9.87 -17.98 -12.73
C ALA B 233 9.99 -18.92 -11.52
N TYR B 234 10.36 -18.40 -10.36
CA TYR B 234 10.39 -19.22 -9.14
C TYR B 234 9.02 -19.15 -8.43
N ASP B 235 8.04 -18.46 -9.03
CA ASP B 235 6.68 -18.41 -8.47
C ASP B 235 6.72 -17.87 -7.00
N LEU B 236 7.40 -16.75 -6.80
CA LEU B 236 7.55 -16.24 -5.43
C LEU B 236 6.39 -15.31 -5.09
N LYS B 237 6.19 -15.02 -3.81
CA LYS B 237 5.16 -14.05 -3.44
C LYS B 237 5.72 -12.74 -2.88
N ILE B 238 5.24 -11.63 -3.45
CA ILE B 238 5.54 -10.28 -2.93
C ILE B 238 4.57 -9.91 -1.80
N LEU B 239 5.11 -9.58 -0.64
CA LEU B 239 4.26 -9.16 0.48
C LEU B 239 3.77 -7.72 0.28
N LYS B 240 2.52 -7.45 0.72
CA LYS B 240 2.00 -6.06 0.77
C LYS B 240 2.85 -5.20 1.73
N ASP B 241 3.24 -4.03 1.25
CA ASP B 241 3.84 -2.97 2.08
C ASP B 241 2.68 -2.25 2.84
N ASP B 242 2.16 -2.90 3.90
CA ASP B 242 0.93 -2.45 4.56
C ASP B 242 1.13 -1.13 5.27
N LYS B 243 2.36 -0.79 5.61
CA LYS B 243 2.59 0.52 6.21
C LYS B 243 3.07 1.56 5.19
N ARG B 244 3.15 1.18 3.91
CA ARG B 244 3.49 2.10 2.82
C ARG B 244 4.86 2.77 3.10
N PHE B 245 5.81 1.95 3.54
CA PHE B 245 7.16 2.42 3.82
C PHE B 245 7.83 2.86 2.52
N PHE B 246 7.63 2.11 1.44
CA PHE B 246 8.25 2.45 0.17
C PHE B 246 7.45 3.45 -0.65
N PRO B 247 8.17 4.45 -1.19
CA PRO B 247 7.65 5.35 -2.22
C PRO B 247 7.25 4.58 -3.47
N PRO B 248 6.33 5.13 -4.22
CA PRO B 248 6.04 4.59 -5.55
C PRO B 248 7.29 4.75 -6.46
N TYR B 249 7.52 3.78 -7.33
CA TYR B 249 8.55 3.80 -8.33
C TYR B 249 7.96 3.42 -9.71
N ASP B 250 6.96 4.17 -10.10
CA ASP B 250 6.26 3.85 -11.35
C ASP B 250 7.11 4.33 -12.48
N CYS B 251 7.19 3.51 -13.52
CA CYS B 251 8.15 3.72 -14.58
C CYS B 251 7.54 4.43 -15.77
N SER B 252 8.27 5.38 -16.35
CA SER B 252 7.80 6.23 -17.45
C SER B 252 8.95 6.61 -18.37
N PRO B 253 8.67 6.85 -19.67
CA PRO B 253 9.65 7.50 -20.51
C PRO B 253 9.63 9.03 -20.33
N VAL B 254 10.79 9.65 -20.58
CA VAL B 254 10.92 11.06 -20.47
C VAL B 254 11.51 11.62 -21.80
N ILE B 255 10.84 12.64 -22.34
CA ILE B 255 11.25 13.24 -23.60
C ILE B 255 11.11 14.77 -23.56
N PRO B 256 12.17 15.52 -23.90
CA PRO B 256 11.99 16.98 -23.92
C PRO B 256 10.84 17.34 -24.86
N GLU B 257 10.04 18.33 -24.48
CA GLU B 257 8.99 18.85 -25.37
C GLU B 257 9.50 19.38 -26.73
N LYS B 258 10.77 19.80 -26.77
CA LYS B 258 11.41 20.27 -28.00
C LYS B 258 11.51 19.16 -29.02
N VAL B 259 11.95 17.99 -28.56
CA VAL B 259 12.06 16.82 -29.42
C VAL B 259 10.70 16.49 -30.03
N LEU B 260 9.68 16.48 -29.17
CA LEU B 260 8.31 16.19 -29.60
C LEU B 260 7.74 17.26 -30.53
N LYS B 261 8.21 18.51 -30.38
CA LYS B 261 7.85 19.59 -31.29
C LYS B 261 8.47 19.34 -32.70
N GLU B 262 9.76 19.01 -32.74
CA GLU B 262 10.49 18.70 -33.97
C GLU B 262 10.05 17.43 -34.70
N HIS B 263 9.44 16.49 -33.98
CA HIS B 263 8.92 15.28 -34.59
C HIS B 263 7.53 14.97 -34.06
N PRO B 264 6.51 15.65 -34.60
CA PRO B 264 5.20 15.56 -33.95
C PRO B 264 4.59 14.15 -33.96
N GLU B 265 5.14 13.24 -34.76
CA GLU B 265 4.64 11.84 -34.82
C GLU B 265 5.14 10.95 -33.67
N LEU B 266 6.17 11.39 -32.95
CA LEU B 266 6.78 10.60 -31.87
C LEU B 266 5.82 10.35 -30.73
N GLU B 267 5.10 11.38 -30.34
CA GLU B 267 4.24 11.25 -29.20
C GLU B 267 3.27 10.08 -29.39
N GLY B 268 2.76 9.93 -30.62
CA GLY B 268 1.84 8.85 -30.97
C GLY B 268 2.46 7.47 -30.79
N VAL B 269 3.75 7.38 -31.16
CA VAL B 269 4.53 6.15 -30.97
C VAL B 269 4.62 5.72 -29.49
N ILE B 270 5.06 6.66 -28.67
CA ILE B 270 5.27 6.41 -27.26
C ILE B 270 3.95 6.07 -26.57
N ASN B 271 2.89 6.79 -26.95
CA ASN B 271 1.58 6.59 -26.37
C ASN B 271 1.10 5.15 -26.49
N LYS B 272 1.70 4.41 -27.40
CA LYS B 272 1.27 3.03 -27.62
C LYS B 272 1.70 2.10 -26.48
N LEU B 273 2.77 2.51 -25.78
CA LEU B 273 3.34 1.73 -24.70
C LEU B 273 2.72 2.12 -23.36
N ILE B 274 2.19 3.32 -23.27
CA ILE B 274 1.59 3.80 -22.03
C ILE B 274 0.46 2.87 -21.53
N GLY B 275 0.57 2.41 -20.28
CA GLY B 275 -0.41 1.49 -19.68
C GLY B 275 -0.35 0.03 -20.15
N GLN B 276 0.66 -0.35 -20.94
CA GLN B 276 0.66 -1.67 -21.60
C GLN B 276 1.55 -2.66 -20.92
N ILE B 277 2.39 -2.20 -19.99
CA ILE B 277 3.32 -3.14 -19.34
C ILE B 277 3.15 -3.08 -17.83
N ASP B 278 2.40 -4.04 -17.30
CA ASP B 278 2.31 -4.17 -15.86
C ASP B 278 3.56 -4.89 -15.29
N THR B 279 3.64 -4.95 -13.96
CA THR B 279 4.81 -5.49 -13.30
C THR B 279 5.03 -6.93 -13.62
N GLU B 280 3.95 -7.70 -13.73
CA GLU B 280 4.04 -9.11 -14.12
C GLU B 280 4.62 -9.31 -15.53
N THR B 281 4.09 -8.55 -16.49
CA THR B 281 4.63 -8.56 -17.86
C THR B 281 6.12 -8.22 -17.85
N MET B 282 6.52 -7.21 -17.07
CA MET B 282 7.92 -6.76 -17.03
C MET B 282 8.81 -7.85 -16.43
N GLN B 283 8.33 -8.59 -15.43
CA GLN B 283 9.07 -9.74 -14.88
C GLN B 283 9.34 -10.78 -15.99
N GLU B 284 8.26 -11.19 -16.62
CA GLU B 284 8.26 -12.13 -17.75
C GLU B 284 9.28 -11.75 -18.82
N LEU B 285 9.29 -10.46 -19.19
CA LEU B 285 10.28 -9.92 -20.13
C LEU B 285 11.69 -9.96 -19.60
N ASN B 286 11.87 -9.54 -18.34
CA ASN B 286 13.20 -9.58 -17.76
C ASN B 286 13.77 -11.02 -17.71
N TYR B 287 12.90 -11.96 -17.38
CA TYR B 287 13.31 -13.38 -17.35
C TYR B 287 13.80 -13.86 -18.72
N GLU B 288 13.13 -13.42 -19.79
CA GLU B 288 13.54 -13.80 -21.16
C GLU B 288 15.02 -13.47 -21.42
N VAL B 289 15.49 -12.38 -20.81
CA VAL B 289 16.88 -11.95 -20.95
C VAL B 289 17.83 -12.44 -19.84
N ASP B 290 17.43 -12.25 -18.58
CA ASP B 290 18.28 -12.60 -17.45
C ASP B 290 18.41 -14.11 -17.25
N GLY B 291 17.30 -14.83 -17.45
CA GLY B 291 17.26 -16.28 -17.25
C GLY B 291 17.45 -17.07 -18.54
N LYS B 292 16.76 -16.67 -19.60
CA LYS B 292 16.84 -17.42 -20.85
C LYS B 292 17.93 -16.94 -21.77
N LEU B 293 18.57 -15.83 -21.42
CA LEU B 293 19.78 -15.34 -22.09
C LEU B 293 19.54 -14.77 -23.48
N LYS B 294 18.29 -14.45 -23.78
CA LYS B 294 17.96 -13.77 -25.02
C LYS B 294 18.45 -12.32 -25.00
N GLU B 295 18.61 -11.78 -26.20
CA GLU B 295 18.96 -10.40 -26.40
C GLU B 295 17.73 -9.50 -26.14
N PRO B 296 17.95 -8.35 -25.48
CA PRO B 296 16.87 -7.34 -25.27
C PRO B 296 16.19 -6.94 -26.57
N SER B 297 16.96 -6.75 -27.64
CA SER B 297 16.39 -6.39 -28.95
C SER B 297 15.36 -7.45 -29.44
N VAL B 298 15.73 -8.71 -29.30
CA VAL B 298 14.86 -9.81 -29.58
C VAL B 298 13.64 -9.88 -28.69
N VAL B 299 13.81 -9.67 -27.40
CA VAL B 299 12.71 -9.72 -26.44
C VAL B 299 11.72 -8.61 -26.72
N ALA B 300 12.22 -7.42 -27.04
CA ALA B 300 11.36 -6.31 -27.42
C ALA B 300 10.64 -6.61 -28.71
N LYS B 301 11.34 -7.21 -29.66
CA LYS B 301 10.72 -7.57 -30.95
C LYS B 301 9.58 -8.53 -30.74
N GLU B 302 9.83 -9.58 -29.97
CA GLU B 302 8.82 -10.58 -29.72
C GLU B 302 7.57 -10.06 -28.97
N PHE B 303 7.78 -9.08 -28.10
CA PHE B 303 6.70 -8.39 -27.41
C PHE B 303 5.83 -7.58 -28.39
N LEU B 304 6.48 -6.84 -29.28
CA LEU B 304 5.72 -6.08 -30.26
C LEU B 304 4.98 -7.04 -31.21
N GLU B 305 5.65 -8.12 -31.61
CA GLU B 305 4.99 -9.15 -32.45
C GLU B 305 3.72 -9.64 -31.79
N LYS B 306 3.82 -10.02 -30.53
CA LYS B 306 2.68 -10.47 -29.76
C LYS B 306 1.53 -9.45 -29.82
N HIS B 307 1.86 -8.17 -29.67
CA HIS B 307 0.83 -7.12 -29.69
C HIS B 307 0.55 -6.48 -31.07
N HIS B 308 1.25 -6.95 -32.10
CA HIS B 308 1.00 -6.51 -33.49
C HIS B 308 1.40 -5.05 -33.71
N TYR B 309 2.60 -4.67 -33.23
CA TYR B 309 3.22 -3.42 -33.67
C TYR B 309 4.72 -3.49 -34.16
#